data_8BUY
#
_entry.id   8BUY
#
_cell.length_a   44.714
_cell.length_b   65.945
_cell.length_c   90.438
_cell.angle_alpha   90.000
_cell.angle_beta   91.516
_cell.angle_gamma   90.000
#
_symmetry.space_group_name_H-M   'C 1 2 1'
#
loop_
_entity.id
_entity.type
_entity.pdbx_description
1 polymer 'Granule associated Rac and RHOG effector protein 1'
2 non-polymer 1,2-ETHANEDIOL
3 non-polymer 'SULFATE ION'
4 water water
#
_entity_poly.entity_id   1
_entity_poly.type   'polypeptide(L)'
_entity_poly.pdbx_seq_one_letter_code
;GAMGSTTPIADIQQGISKYLDALNVFCRASTFLTDLFSTVFRNSHYSKAATQLKDVQEHVMEAASRLTSAIKPEIAKMLM
ELSAGAANFTDQKEFSLQDIEVLGRCFLTVVQVHFQFLTHALQKVQPVAHSCFAEVIVPEKKNS
;
_entity_poly.pdbx_strand_id   A,B
#
# COMPACT_ATOMS: atom_id res chain seq x y z
N SER A 5 -2.06 26.39 -1.47
CA SER A 5 -3.12 26.06 -2.42
C SER A 5 -4.42 26.78 -2.08
N THR A 6 -5.21 27.10 -3.12
CA THR A 6 -6.46 27.80 -2.95
C THR A 6 -7.67 26.94 -3.32
N THR A 7 -7.50 25.61 -3.36
CA THR A 7 -8.57 24.68 -3.72
C THR A 7 -8.55 23.53 -2.73
N PRO A 8 -8.87 23.79 -1.46
CA PRO A 8 -8.71 22.72 -0.45
C PRO A 8 -9.59 21.52 -0.70
N ILE A 9 -10.85 21.71 -1.11
CA ILE A 9 -11.72 20.57 -1.34
C ILE A 9 -11.23 19.78 -2.55
N ALA A 10 -10.93 20.48 -3.65
CA ALA A 10 -10.41 19.77 -4.82
C ALA A 10 -9.14 19.01 -4.50
N ASP A 11 -8.30 19.58 -3.61
CA ASP A 11 -7.07 18.88 -3.26
C ASP A 11 -7.35 17.60 -2.49
N ILE A 12 -8.32 17.63 -1.57
CA ILE A 12 -8.69 16.41 -0.86
C ILE A 12 -9.28 15.38 -1.82
N GLN A 13 -10.15 15.83 -2.72
CA GLN A 13 -10.71 14.94 -3.73
C GLN A 13 -9.61 14.28 -4.54
N GLN A 14 -8.67 15.09 -5.04
CA GLN A 14 -7.56 14.51 -5.80
C GLN A 14 -6.73 13.57 -4.94
N GLY A 15 -6.43 13.99 -3.70
CA GLY A 15 -5.60 13.16 -2.84
C GLY A 15 -6.21 11.79 -2.56
N ILE A 16 -7.53 11.75 -2.39
CA ILE A 16 -8.18 10.48 -2.15
C ILE A 16 -8.11 9.62 -3.39
N SER A 17 -8.36 10.23 -4.55
CA SER A 17 -8.33 9.48 -5.80
C SER A 17 -6.93 8.94 -6.07
N LYS A 18 -5.89 9.75 -5.85
CA LYS A 18 -4.53 9.28 -6.08
C LYS A 18 -4.15 8.18 -5.10
N TYR A 19 -4.62 8.27 -3.85
CA TYR A 19 -4.33 7.22 -2.88
C TYR A 19 -4.96 5.90 -3.31
N LEU A 20 -6.24 5.92 -3.68
CA LEU A 20 -6.90 4.70 -4.11
C LEU A 20 -6.25 4.15 -5.37
N ASP A 21 -5.90 5.02 -6.31
CA ASP A 21 -5.23 4.54 -7.52
C ASP A 21 -3.91 3.88 -7.18
N ALA A 22 -3.12 4.52 -6.31
CA ALA A 22 -1.81 3.98 -5.96
C ALA A 22 -1.95 2.65 -5.24
N LEU A 23 -2.99 2.50 -4.44
CA LEU A 23 -3.25 1.24 -3.76
C LEU A 23 -3.45 0.13 -4.77
N ASN A 24 -4.27 0.39 -5.79
CA ASN A 24 -4.54 -0.64 -6.79
C ASN A 24 -3.34 -0.89 -7.67
N VAL A 25 -2.58 0.15 -7.99
CA VAL A 25 -1.37 -0.05 -8.80
C VAL A 25 -0.39 -0.95 -8.05
N PHE A 26 -0.28 -0.75 -6.74
CA PHE A 26 0.60 -1.58 -5.92
C PHE A 26 0.15 -3.03 -5.90
N CYS A 27 -1.16 -3.26 -5.78
CA CYS A 27 -1.66 -4.63 -5.78
C CYS A 27 -1.41 -5.30 -7.12
N ARG A 28 -1.64 -4.58 -8.22
CA ARG A 28 -1.43 -5.17 -9.54
C ARG A 28 0.05 -5.43 -9.79
N ALA A 29 0.92 -4.51 -9.35
CA ALA A 29 2.36 -4.69 -9.56
C ALA A 29 2.89 -5.87 -8.77
N SER A 30 2.33 -6.09 -7.57
CA SER A 30 2.70 -7.24 -6.77
C SER A 30 2.34 -8.53 -7.49
N THR A 31 1.10 -8.63 -7.96
CA THR A 31 0.67 -9.84 -8.67
C THR A 31 1.46 -10.04 -9.96
N PHE A 32 1.73 -8.95 -10.70
CA PHE A 32 2.43 -9.06 -11.97
C PHE A 32 3.82 -9.63 -11.78
N LEU A 33 4.54 -9.15 -10.77
CA LEU A 33 5.88 -9.68 -10.53
C LEU A 33 5.81 -11.13 -10.09
N THR A 34 4.88 -11.45 -9.19
CA THR A 34 4.75 -12.83 -8.73
C THR A 34 4.39 -13.74 -9.89
N ASP A 35 3.62 -13.22 -10.85
CA ASP A 35 3.30 -13.98 -12.05
C ASP A 35 4.55 -14.25 -12.89
N LEU A 36 5.44 -13.28 -13.01
CA LEU A 36 6.68 -13.53 -13.75
C LEU A 36 7.51 -14.62 -13.08
N PHE A 37 7.59 -14.59 -11.74
CA PHE A 37 8.36 -15.61 -11.05
C PHE A 37 7.70 -16.98 -11.16
N SER A 38 6.37 -17.04 -11.07
CA SER A 38 5.70 -18.33 -11.23
C SER A 38 6.01 -18.95 -12.58
N THR A 39 6.02 -18.14 -13.64
CA THR A 39 6.31 -18.67 -14.96
C THR A 39 7.74 -19.22 -15.04
N VAL A 40 8.71 -18.48 -14.49
CA VAL A 40 10.09 -18.93 -14.59
C VAL A 40 10.34 -20.13 -13.69
N PHE A 41 9.56 -20.28 -12.62
CA PHE A 41 9.78 -21.36 -11.67
C PHE A 41 9.06 -22.65 -12.05
N ARG A 42 8.37 -22.68 -13.19
CA ARG A 42 7.69 -23.89 -13.61
C ARG A 42 8.65 -25.09 -13.55
N ASN A 43 8.14 -26.21 -13.04
CA ASN A 43 8.86 -27.47 -12.91
C ASN A 43 10.03 -27.42 -11.94
N SER A 44 10.12 -26.39 -11.11
CA SER A 44 11.15 -26.33 -10.09
C SER A 44 10.53 -26.44 -8.71
N HIS A 45 11.38 -26.68 -7.71
CA HIS A 45 10.91 -26.76 -6.34
C HIS A 45 10.45 -25.42 -5.76
N TYR A 46 10.58 -24.31 -6.49
CA TYR A 46 9.98 -23.05 -6.06
C TYR A 46 8.57 -22.85 -6.59
N SER A 47 8.12 -23.69 -7.52
CA SER A 47 6.85 -23.44 -8.20
C SER A 47 5.68 -23.43 -7.22
N LYS A 48 5.67 -24.36 -6.26
CA LYS A 48 4.54 -24.45 -5.33
C LYS A 48 4.36 -23.14 -4.58
N ALA A 49 5.44 -22.63 -4.00
CA ALA A 49 5.35 -21.37 -3.24
C ALA A 49 4.97 -20.20 -4.14
N ALA A 50 5.61 -20.10 -5.31
CA ALA A 50 5.32 -18.99 -6.22
C ALA A 50 3.88 -19.05 -6.71
N THR A 51 3.39 -20.25 -6.97
CA THR A 51 2.01 -20.40 -7.42
C THR A 51 1.04 -20.06 -6.30
N GLN A 52 1.34 -20.49 -5.07
CA GLN A 52 0.47 -20.15 -3.95
C GLN A 52 0.43 -18.64 -3.73
N LEU A 53 1.59 -17.98 -3.83
CA LEU A 53 1.60 -16.53 -3.64
C LEU A 53 0.86 -15.82 -4.77
N LYS A 54 1.02 -16.30 -5.99
CA LYS A 54 0.27 -15.74 -7.10
C LYS A 54 -1.22 -15.75 -6.83
N ASP A 55 -1.74 -16.87 -6.31
CA ASP A 55 -3.16 -16.97 -6.04
CA ASP A 55 -3.16 -16.97 -6.04
C ASP A 55 -3.57 -16.05 -4.89
N VAL A 56 -2.74 -15.97 -3.84
CA VAL A 56 -3.02 -15.05 -2.75
C VAL A 56 -3.11 -13.62 -3.27
N GLN A 57 -2.14 -13.23 -4.12
CA GLN A 57 -2.08 -11.83 -4.52
C GLN A 57 -3.13 -11.49 -5.56
N GLU A 58 -3.54 -12.46 -6.37
CA GLU A 58 -4.71 -12.25 -7.22
C GLU A 58 -5.93 -11.94 -6.37
N HIS A 59 -6.15 -12.71 -5.30
CA HIS A 59 -7.30 -12.46 -4.43
C HIS A 59 -7.17 -11.13 -3.71
N VAL A 60 -5.96 -10.79 -3.24
CA VAL A 60 -5.78 -9.50 -2.57
C VAL A 60 -6.10 -8.35 -3.52
N MET A 61 -5.65 -8.49 -4.75
CA MET A 61 -5.96 -7.54 -5.82
C MET A 61 -7.46 -7.38 -6.01
N GLU A 62 -8.19 -8.50 -6.05
CA GLU A 62 -9.63 -8.44 -6.21
C GLU A 62 -10.29 -7.75 -5.01
N ALA A 63 -9.89 -8.14 -3.79
CA ALA A 63 -10.42 -7.50 -2.60
C ALA A 63 -10.13 -6.00 -2.58
N ALA A 64 -8.91 -5.61 -2.94
CA ALA A 64 -8.58 -4.19 -3.00
C ALA A 64 -9.46 -3.46 -4.01
N SER A 65 -9.66 -4.06 -5.19
CA SER A 65 -10.56 -3.46 -6.17
C SER A 65 -11.96 -3.29 -5.61
N ARG A 66 -12.44 -4.29 -4.86
CA ARG A 66 -13.78 -4.20 -4.28
C ARG A 66 -13.83 -3.13 -3.20
N LEU A 67 -12.80 -3.08 -2.35
CA LEU A 67 -12.78 -2.09 -1.29
C LEU A 67 -12.75 -0.68 -1.85
N THR A 68 -11.99 -0.47 -2.93
CA THR A 68 -11.92 0.85 -3.53
C THR A 68 -13.19 1.17 -4.31
N SER A 69 -13.81 0.18 -4.93
CA SER A 69 -15.08 0.44 -5.62
C SER A 69 -16.18 0.79 -4.63
N ALA A 70 -16.10 0.28 -3.41
CA ALA A 70 -17.13 0.56 -2.41
C ALA A 70 -16.91 1.90 -1.71
N ILE A 71 -15.66 2.35 -1.58
CA ILE A 71 -15.42 3.61 -0.87
C ILE A 71 -15.76 4.79 -1.75
N LYS A 72 -15.54 4.67 -3.05
CA LYS A 72 -15.83 5.77 -3.97
C LYS A 72 -17.24 6.30 -3.81
N PRO A 73 -18.30 5.47 -3.89
CA PRO A 73 -19.64 6.03 -3.69
C PRO A 73 -19.87 6.52 -2.27
N GLU A 74 -19.29 5.82 -1.28
CA GLU A 74 -19.45 6.29 0.09
C GLU A 74 -18.85 7.67 0.27
N ILE A 75 -17.69 7.90 -0.33
CA ILE A 75 -17.02 9.19 -0.22
C ILE A 75 -17.83 10.27 -0.93
N ALA A 76 -18.25 9.99 -2.17
CA ALA A 76 -19.04 10.94 -2.93
C ALA A 76 -20.32 11.28 -2.18
N LYS A 77 -21.00 10.26 -1.67
CA LYS A 77 -22.24 10.48 -0.93
C LYS A 77 -21.99 11.40 0.26
N MET A 78 -20.91 11.15 1.02
CA MET A 78 -20.59 12.00 2.15
C MET A 78 -20.32 13.43 1.69
N LEU A 79 -19.49 13.59 0.65
CA LEU A 79 -19.15 14.96 0.26
C LEU A 79 -20.33 15.79 -0.28
N MET A 80 -21.45 15.18 -0.69
CA MET A 80 -22.62 15.99 -1.07
C MET A 80 -23.09 16.84 0.10
N GLU A 81 -22.68 16.46 1.31
CA GLU A 81 -23.09 17.18 2.49
C GLU A 81 -22.32 18.47 2.72
N LEU A 82 -21.27 18.72 1.97
CA LEU A 82 -20.54 19.98 2.11
C LEU A 82 -21.44 21.18 1.78
N SER A 83 -21.14 22.31 2.39
CA SER A 83 -22.00 23.48 2.20
C SER A 83 -21.90 23.98 0.75
N ALA A 84 -22.87 24.81 0.36
CA ALA A 84 -23.03 25.17 -1.04
C ALA A 84 -21.78 25.79 -1.65
N GLY A 85 -21.08 26.65 -0.91
CA GLY A 85 -19.92 27.31 -1.47
C GLY A 85 -18.62 26.53 -1.36
N ALA A 86 -18.67 25.28 -0.91
CA ALA A 86 -17.46 24.53 -0.57
C ALA A 86 -16.46 24.48 -1.72
N ALA A 87 -16.94 24.27 -2.95
CA ALA A 87 -16.01 24.12 -4.07
C ALA A 87 -15.26 25.40 -4.37
N ASN A 88 -15.81 26.56 -3.95
CA ASN A 88 -15.17 27.85 -4.19
C ASN A 88 -14.38 28.38 -3.00
N PHE A 89 -14.39 27.71 -1.85
CA PHE A 89 -13.58 28.16 -0.73
C PHE A 89 -12.10 28.08 -1.12
N THR A 90 -11.35 29.12 -0.73
CA THR A 90 -9.92 29.14 -0.98
C THR A 90 -9.09 28.90 0.27
N ASP A 91 -9.71 28.84 1.45
CA ASP A 91 -9.00 28.66 2.71
C ASP A 91 -9.90 27.86 3.64
N GLN A 92 -9.30 26.95 4.42
CA GLN A 92 -10.08 26.08 5.27
C GLN A 92 -10.83 26.85 6.36
N LYS A 93 -10.44 28.09 6.63
CA LYS A 93 -11.16 28.88 7.64
C LYS A 93 -12.57 29.22 7.19
N GLU A 94 -12.86 29.09 5.90
CA GLU A 94 -14.19 29.31 5.38
C GLU A 94 -15.13 28.14 5.61
N PHE A 95 -14.58 26.95 5.88
CA PHE A 95 -15.40 25.77 6.12
C PHE A 95 -16.30 25.99 7.32
N SER A 96 -17.51 25.49 7.25
CA SER A 96 -18.35 25.50 8.43
C SER A 96 -17.93 24.37 9.39
N LEU A 97 -18.38 24.51 10.65
CA LEU A 97 -18.13 23.44 11.60
C LEU A 97 -18.73 22.13 11.10
N GLN A 98 -19.90 22.20 10.45
CA GLN A 98 -20.52 21.03 9.85
C GLN A 98 -19.64 20.45 8.74
N ASP A 99 -19.07 21.32 7.90
CA ASP A 99 -18.16 20.85 6.85
C ASP A 99 -16.99 20.08 7.45
N ILE A 100 -16.46 20.54 8.57
CA ILE A 100 -15.36 19.82 9.20
C ILE A 100 -15.82 18.43 9.62
N GLU A 101 -17.06 18.30 10.09
CA GLU A 101 -17.55 16.98 10.48
C GLU A 101 -17.69 16.07 9.26
N VAL A 102 -18.16 16.63 8.15
CA VAL A 102 -18.29 15.89 6.90
C VAL A 102 -16.92 15.38 6.47
N LEU A 103 -15.94 16.29 6.42
CA LEU A 103 -14.58 15.87 6.07
C LEU A 103 -14.04 14.88 7.09
N GLY A 104 -14.38 15.06 8.37
CA GLY A 104 -14.00 14.08 9.37
C GLY A 104 -14.52 12.68 9.09
N ARG A 105 -15.80 12.57 8.68
CA ARG A 105 -16.33 11.26 8.37
C ARG A 105 -15.59 10.64 7.18
N CYS A 106 -15.20 11.47 6.22
CA CYS A 106 -14.42 10.97 5.09
CA CYS A 106 -14.42 10.98 5.09
C CYS A 106 -13.07 10.45 5.56
N PHE A 107 -12.41 11.22 6.41
CA PHE A 107 -11.13 10.82 7.00
C PHE A 107 -11.24 9.48 7.69
N LEU A 108 -12.24 9.32 8.58
CA LEU A 108 -12.41 8.06 9.29
C LEU A 108 -12.62 6.92 8.32
N THR A 109 -13.36 7.17 7.25
CA THR A 109 -13.60 6.15 6.24
C THR A 109 -12.31 5.76 5.55
N VAL A 110 -11.48 6.74 5.20
CA VAL A 110 -10.22 6.42 4.56
C VAL A 110 -9.31 5.63 5.49
N VAL A 111 -9.27 5.99 6.77
CA VAL A 111 -8.41 5.25 7.70
C VAL A 111 -8.87 3.80 7.78
N GLN A 112 -10.17 3.59 7.83
CA GLN A 112 -10.68 2.22 7.95
C GLN A 112 -10.36 1.40 6.71
N VAL A 113 -10.40 2.03 5.54
CA VAL A 113 -10.05 1.33 4.30
C VAL A 113 -8.58 0.93 4.32
N HIS A 114 -7.72 1.87 4.70
CA HIS A 114 -6.29 1.59 4.79
C HIS A 114 -6.04 0.44 5.75
N PHE A 115 -6.67 0.48 6.92
CA PHE A 115 -6.48 -0.60 7.89
C PHE A 115 -6.97 -1.93 7.35
N GLN A 116 -8.15 -1.95 6.72
CA GLN A 116 -8.70 -3.20 6.20
CA GLN A 116 -8.69 -3.21 6.23
C GLN A 116 -7.84 -3.74 5.08
N PHE A 117 -7.39 -2.87 4.18
CA PHE A 117 -6.52 -3.33 3.11
C PHE A 117 -5.27 -3.99 3.67
N LEU A 118 -4.55 -3.27 4.53
CA LEU A 118 -3.30 -3.82 5.05
C LEU A 118 -3.55 -5.15 5.76
N THR A 119 -4.63 -5.22 6.54
CA THR A 119 -4.97 -6.44 7.26
C THR A 119 -5.20 -7.59 6.29
N HIS A 120 -5.95 -7.34 5.21
CA HIS A 120 -6.25 -8.41 4.26
C HIS A 120 -5.03 -8.78 3.43
N ALA A 121 -4.26 -7.79 2.98
CA ALA A 121 -3.10 -8.06 2.14
C ALA A 121 -2.07 -8.89 2.87
N LEU A 122 -1.99 -8.72 4.19
CA LEU A 122 -0.97 -9.40 4.99
C LEU A 122 -1.42 -10.78 5.42
N GLN A 123 -2.65 -10.88 5.94
CA GLN A 123 -3.16 -12.13 6.49
C GLN A 123 -3.02 -13.27 5.49
N LYS A 124 -3.26 -12.98 4.21
CA LYS A 124 -3.16 -14.00 3.17
C LYS A 124 -1.71 -14.33 2.84
N VAL A 125 -0.78 -13.39 3.05
CA VAL A 125 0.59 -13.55 2.56
C VAL A 125 1.51 -14.25 3.55
N GLN A 126 1.21 -14.19 4.84
CA GLN A 126 2.15 -14.64 5.86
C GLN A 126 2.70 -16.05 5.62
N PRO A 127 1.89 -17.06 5.32
CA PRO A 127 2.43 -18.43 5.27
C PRO A 127 3.35 -18.71 4.08
N VAL A 128 3.32 -17.90 3.03
CA VAL A 128 4.12 -18.20 1.85
C VAL A 128 5.57 -17.75 2.02
N ALA A 129 5.82 -16.68 2.77
CA ALA A 129 7.19 -16.25 2.99
C ALA A 129 8.02 -17.37 3.61
N HIS A 130 7.40 -18.20 4.45
CA HIS A 130 8.13 -19.29 5.10
C HIS A 130 8.45 -20.41 4.11
N SER A 131 7.48 -20.80 3.28
CA SER A 131 7.75 -21.78 2.24
C SER A 131 8.82 -21.29 1.28
N CYS A 132 8.78 -20.00 0.93
CA CYS A 132 9.82 -19.44 0.07
C CYS A 132 11.19 -19.58 0.71
N PHE A 133 11.29 -19.28 2.01
CA PHE A 133 12.58 -19.39 2.70
C PHE A 133 13.03 -20.85 2.80
N ALA A 134 12.09 -21.75 3.07
CA ALA A 134 12.44 -23.16 3.21
C ALA A 134 13.04 -23.73 1.94
N GLU A 135 12.56 -23.29 0.77
CA GLU A 135 13.06 -23.79 -0.50
C GLU A 135 14.40 -23.16 -0.88
N VAL A 136 14.74 -22.00 -0.33
CA VAL A 136 16.02 -21.37 -0.64
C VAL A 136 17.15 -22.04 0.13
N ILE A 137 16.89 -22.43 1.39
CA ILE A 137 17.95 -22.99 2.21
C ILE A 137 18.17 -24.48 1.95
N VAL A 138 17.15 -25.19 1.48
CA VAL A 138 17.27 -26.63 1.23
C VAL A 138 16.42 -27.04 0.04
CA THR B 6 11.71 -8.70 -23.74
C THR B 6 12.32 -9.94 -23.12
N THR B 7 13.65 -9.95 -23.02
CA THR B 7 14.36 -11.08 -22.40
C THR B 7 13.77 -11.37 -21.03
N PRO B 8 13.72 -12.63 -20.60
CA PRO B 8 13.08 -12.94 -19.31
C PRO B 8 13.74 -12.25 -18.13
N ILE B 9 15.05 -12.10 -18.14
CA ILE B 9 15.74 -11.42 -17.05
C ILE B 9 15.43 -9.93 -17.10
N ALA B 10 15.37 -9.36 -18.30
CA ALA B 10 14.97 -7.96 -18.40
C ALA B 10 13.55 -7.77 -17.90
N ASP B 11 12.66 -8.71 -18.21
CA ASP B 11 11.27 -8.61 -17.77
C ASP B 11 11.20 -8.65 -16.25
N ILE B 12 12.03 -9.48 -15.61
CA ILE B 12 12.01 -9.58 -14.16
C ILE B 12 12.61 -8.33 -13.53
N GLN B 13 13.73 -7.86 -14.08
CA GLN B 13 14.29 -6.57 -13.66
C GLN B 13 13.23 -5.49 -13.70
N GLN B 14 12.45 -5.45 -14.79
CA GLN B 14 11.43 -4.43 -14.93
C GLN B 14 10.29 -4.66 -13.93
N GLY B 15 9.91 -5.92 -13.73
CA GLY B 15 8.87 -6.22 -12.76
C GLY B 15 9.24 -5.81 -11.35
N ILE B 16 10.50 -6.06 -10.95
CA ILE B 16 10.94 -5.67 -9.62
C ILE B 16 10.98 -4.15 -9.49
N SER B 17 11.50 -3.47 -10.52
CA SER B 17 11.55 -2.01 -10.47
CA SER B 17 11.55 -2.01 -10.48
C SER B 17 10.15 -1.42 -10.35
N LYS B 18 9.19 -1.93 -11.12
CA LYS B 18 7.83 -1.41 -11.06
C LYS B 18 7.16 -1.74 -9.71
N TYR B 19 7.42 -2.91 -9.15
CA TYR B 19 6.86 -3.26 -7.87
C TYR B 19 7.37 -2.33 -6.76
N LEU B 20 8.68 -2.15 -6.69
CA LEU B 20 9.25 -1.27 -5.67
C LEU B 20 8.81 0.17 -5.87
N ASP B 21 8.73 0.64 -7.13
CA ASP B 21 8.22 1.97 -7.37
C ASP B 21 6.77 2.09 -6.89
N ALA B 22 5.95 1.08 -7.20
CA ALA B 22 4.54 1.14 -6.81
C ALA B 22 4.37 1.16 -5.29
N LEU B 23 5.20 0.40 -4.59
CA LEU B 23 5.18 0.41 -3.12
C LEU B 23 5.48 1.80 -2.60
N ASN B 24 6.54 2.44 -3.10
CA ASN B 24 6.90 3.75 -2.59
C ASN B 24 5.92 4.84 -3.02
N VAL B 25 5.36 4.74 -4.23
CA VAL B 25 4.32 5.70 -4.62
C VAL B 25 3.11 5.57 -3.71
N PHE B 26 2.72 4.34 -3.39
CA PHE B 26 1.60 4.12 -2.48
C PHE B 26 1.88 4.78 -1.14
N CYS B 27 3.09 4.61 -0.60
CA CYS B 27 3.44 5.27 0.66
C CYS B 27 3.37 6.80 0.52
N ARG B 28 3.92 7.34 -0.57
CA ARG B 28 3.92 8.78 -0.74
C ARG B 28 2.51 9.31 -0.89
N ALA B 29 1.64 8.57 -1.56
CA ALA B 29 0.26 9.04 -1.75
C ALA B 29 -0.49 9.02 -0.44
N SER B 30 -0.24 8.01 0.38
CA SER B 30 -0.82 7.94 1.71
CA SER B 30 -0.82 7.94 1.71
C SER B 30 -0.35 9.12 2.56
N THR B 31 0.95 9.40 2.56
CA THR B 31 1.46 10.54 3.31
C THR B 31 0.84 11.85 2.82
N PHE B 32 0.77 12.03 1.51
CA PHE B 32 0.27 13.28 0.95
C PHE B 32 -1.17 13.52 1.40
N LEU B 33 -1.99 12.48 1.31
CA LEU B 33 -3.39 12.64 1.71
C LEU B 33 -3.51 12.90 3.20
N THR B 34 -2.72 12.21 4.02
CA THR B 34 -2.79 12.45 5.44
C THR B 34 -2.29 13.85 5.77
N ASP B 35 -1.33 14.36 5.01
CA ASP B 35 -0.90 15.74 5.19
C ASP B 35 -2.07 16.70 4.96
N LEU B 36 -2.82 16.50 3.88
CA LEU B 36 -3.95 17.37 3.57
C LEU B 36 -4.97 17.34 4.69
N PHE B 37 -5.29 16.15 5.17
CA PHE B 37 -6.24 16.05 6.26
C PHE B 37 -5.71 16.74 7.53
N SER B 38 -4.44 16.54 7.86
CA SER B 38 -3.91 17.18 9.07
C SER B 38 -4.02 18.70 8.98
N THR B 39 -3.82 19.25 7.79
CA THR B 39 -3.94 20.70 7.61
C THR B 39 -5.39 21.15 7.74
N VAL B 40 -6.31 20.41 7.11
CA VAL B 40 -7.72 20.87 7.12
C VAL B 40 -8.35 20.71 8.49
N PHE B 41 -7.80 19.87 9.37
CA PHE B 41 -8.36 19.61 10.68
C PHE B 41 -7.70 20.41 11.81
N ARG B 42 -6.79 21.33 11.49
CA ARG B 42 -6.09 22.02 12.55
C ARG B 42 -7.12 22.78 13.40
N ASN B 43 -6.99 22.67 14.73
CA ASN B 43 -7.85 23.28 15.74
C ASN B 43 -9.22 22.63 15.88
N SER B 44 -9.54 21.64 15.08
CA SER B 44 -10.76 20.86 15.25
C SER B 44 -10.48 19.66 16.17
N HIS B 45 -11.55 18.95 16.52
CA HIS B 45 -11.35 17.78 17.37
C HIS B 45 -10.75 16.60 16.62
N TYR B 46 -10.62 16.71 15.30
CA TYR B 46 -9.95 15.68 14.53
C TYR B 46 -8.44 15.89 14.43
N SER B 47 -7.91 17.02 14.90
CA SER B 47 -6.51 17.34 14.68
C SER B 47 -5.57 16.34 15.33
N LYS B 48 -5.92 15.87 16.53
CA LYS B 48 -5.04 14.94 17.24
C LYS B 48 -4.85 13.66 16.43
N ALA B 49 -5.95 13.05 16.00
CA ALA B 49 -5.83 11.81 15.23
C ALA B 49 -5.19 12.08 13.88
N ALA B 50 -5.51 13.21 13.26
CA ALA B 50 -4.95 13.49 11.93
C ALA B 50 -3.45 13.73 12.01
N THR B 51 -3.01 14.41 13.05
CA THR B 51 -1.58 14.62 13.27
C THR B 51 -0.88 13.31 13.59
N GLN B 52 -1.49 12.46 14.42
CA GLN B 52 -0.88 11.17 14.71
C GLN B 52 -0.75 10.32 13.45
N LEU B 53 -1.79 10.32 12.62
CA LEU B 53 -1.75 9.53 11.41
C LEU B 53 -0.69 10.07 10.45
N LYS B 54 -0.60 11.39 10.35
CA LYS B 54 0.45 12.00 9.55
C LYS B 54 1.83 11.52 9.99
N ASP B 55 2.09 11.53 11.30
CA ASP B 55 3.39 11.10 11.81
C ASP B 55 3.63 9.63 11.49
N VAL B 56 2.59 8.80 11.66
CA VAL B 56 2.70 7.38 11.36
C VAL B 56 3.01 7.15 9.89
N GLN B 57 2.27 7.83 9.00
CA GLN B 57 2.45 7.52 7.58
C GLN B 57 3.77 8.07 7.07
N GLU B 58 4.24 9.19 7.60
CA GLU B 58 5.58 9.66 7.30
C GLU B 58 6.61 8.62 7.72
N HIS B 59 6.45 8.07 8.92
CA HIS B 59 7.36 7.06 9.42
C HIS B 59 7.39 5.86 8.48
N VAL B 60 6.20 5.39 8.09
CA VAL B 60 6.12 4.20 7.24
C VAL B 60 6.73 4.47 5.88
N MET B 61 6.47 5.65 5.33
CA MET B 61 7.03 6.00 4.01
C MET B 61 8.55 5.97 4.05
N GLU B 62 9.13 6.56 5.10
CA GLU B 62 10.58 6.58 5.19
C GLU B 62 11.14 5.17 5.46
N ALA B 63 10.43 4.36 6.24
CA ALA B 63 10.87 2.98 6.47
C ALA B 63 10.85 2.18 5.18
N ALA B 64 9.78 2.32 4.39
CA ALA B 64 9.71 1.65 3.09
C ALA B 64 10.82 2.11 2.16
N SER B 65 11.13 3.40 2.19
CA SER B 65 12.21 3.94 1.38
C SER B 65 13.55 3.33 1.76
N ARG B 66 13.83 3.23 3.07
CA ARG B 66 15.06 2.57 3.51
C ARG B 66 15.07 1.10 3.12
N LEU B 67 13.94 0.42 3.30
CA LEU B 67 13.85 -1.01 3.05
C LEU B 67 14.11 -1.30 1.58
N THR B 68 13.54 -0.51 0.69
CA THR B 68 13.71 -0.76 -0.73
C THR B 68 15.09 -0.33 -1.22
N SER B 69 15.66 0.74 -0.67
CA SER B 69 17.02 1.11 -1.04
C SER B 69 18.02 0.06 -0.56
N ALA B 70 17.75 -0.57 0.58
CA ALA B 70 18.70 -1.55 1.10
C ALA B 70 18.83 -2.79 0.22
N ILE B 71 17.76 -3.17 -0.49
CA ILE B 71 17.85 -4.39 -1.28
C ILE B 71 18.39 -4.13 -2.68
N LYS B 72 18.54 -2.86 -3.10
CA LYS B 72 19.04 -2.49 -4.41
C LYS B 72 20.30 -3.27 -4.77
N PRO B 73 21.34 -3.21 -3.93
CA PRO B 73 22.59 -3.88 -4.31
C PRO B 73 22.45 -5.40 -4.41
N GLU B 74 21.69 -6.00 -3.50
CA GLU B 74 21.52 -7.46 -3.53
C GLU B 74 20.82 -7.90 -4.81
N ILE B 75 19.73 -7.23 -5.16
CA ILE B 75 19.01 -7.59 -6.37
C ILE B 75 19.91 -7.38 -7.59
N ALA B 76 20.64 -6.27 -7.62
CA ALA B 76 21.53 -5.99 -8.73
C ALA B 76 22.55 -7.12 -8.88
N LYS B 77 23.16 -7.52 -7.77
CA LYS B 77 24.13 -8.61 -7.80
C LYS B 77 23.52 -9.88 -8.38
N MET B 78 22.28 -10.19 -8.00
CA MET B 78 21.67 -11.44 -8.44
C MET B 78 21.31 -11.39 -9.91
N LEU B 79 20.71 -10.30 -10.37
CA LEU B 79 20.34 -10.23 -11.77
C LEU B 79 21.57 -10.25 -12.68
N MET B 80 22.71 -9.73 -12.19
CA MET B 80 23.93 -9.76 -12.98
C MET B 80 24.57 -11.14 -13.00
N GLU B 81 24.38 -11.93 -11.94
CA GLU B 81 24.75 -13.34 -12.02
C GLU B 81 23.91 -14.06 -13.06
N LEU B 82 22.76 -13.50 -13.44
CA LEU B 82 21.88 -14.08 -14.45
C LEU B 82 22.14 -13.54 -15.85
N SER B 83 23.01 -12.53 -16.00
CA SER B 83 23.28 -11.97 -17.31
C SER B 83 23.85 -13.03 -18.25
N ALA B 84 24.71 -13.91 -17.73
CA ALA B 84 25.21 -15.01 -18.55
C ALA B 84 24.07 -15.93 -18.98
N GLY B 85 23.17 -16.25 -18.06
CA GLY B 85 22.02 -17.08 -18.37
C GLY B 85 21.08 -16.41 -19.36
N GLU B 94 16.14 -21.18 -21.97
CA GLU B 94 15.92 -21.82 -20.69
C GLU B 94 17.04 -21.47 -19.70
N PHE B 95 16.71 -21.46 -18.40
CA PHE B 95 17.65 -21.14 -17.37
C PHE B 95 18.35 -22.39 -16.85
N SER B 96 19.59 -22.23 -16.43
CA SER B 96 20.31 -23.31 -15.79
C SER B 96 19.74 -23.55 -14.40
N LEU B 97 20.10 -24.71 -13.82
CA LEU B 97 19.66 -25.03 -12.48
C LEU B 97 20.22 -24.03 -11.47
N GLN B 98 21.47 -23.57 -11.69
CA GLN B 98 22.05 -22.55 -10.82
C GLN B 98 21.34 -21.21 -10.97
N ASP B 99 20.99 -20.85 -12.21
CA ASP B 99 20.19 -19.63 -12.42
C ASP B 99 18.88 -19.70 -11.67
N ILE B 100 18.24 -20.88 -11.64
CA ILE B 100 16.95 -21.00 -10.96
C ILE B 100 17.10 -20.73 -9.46
N GLU B 101 18.21 -21.19 -8.87
CA GLU B 101 18.47 -20.93 -7.46
C GLU B 101 18.72 -19.45 -7.21
N VAL B 102 19.43 -18.77 -8.11
CA VAL B 102 19.60 -17.33 -7.97
C VAL B 102 18.26 -16.63 -8.03
N LEU B 103 17.43 -17.00 -9.02
CA LEU B 103 16.09 -16.41 -9.13
C LEU B 103 15.25 -16.71 -7.90
N GLY B 104 15.46 -17.87 -7.28
CA GLY B 104 14.72 -18.17 -6.06
C GLY B 104 15.09 -17.24 -4.92
N ARG B 105 16.36 -16.91 -4.79
CA ARG B 105 16.79 -15.96 -3.76
C ARG B 105 16.27 -14.56 -4.08
N CYS B 106 16.26 -14.20 -5.35
CA CYS B 106 15.66 -12.92 -5.74
CA CYS B 106 15.65 -12.93 -5.77
C CYS B 106 14.20 -12.86 -5.34
N PHE B 107 13.43 -13.89 -5.69
CA PHE B 107 12.01 -13.95 -5.33
C PHE B 107 11.84 -13.85 -3.83
N LEU B 108 12.57 -14.67 -3.07
CA LEU B 108 12.51 -14.58 -1.62
C LEU B 108 12.78 -13.16 -1.13
N THR B 109 13.76 -12.48 -1.72
CA THR B 109 14.11 -11.15 -1.23
C THR B 109 12.94 -10.21 -1.38
N VAL B 110 12.25 -10.26 -2.51
CA VAL B 110 11.13 -9.34 -2.73
CA VAL B 110 11.14 -9.33 -2.72
C VAL B 110 9.92 -9.74 -1.90
N VAL B 111 9.69 -11.05 -1.72
CA VAL B 111 8.61 -11.50 -0.85
C VAL B 111 8.83 -11.00 0.56
N GLN B 112 10.09 -11.05 1.02
CA GLN B 112 10.39 -10.51 2.35
C GLN B 112 10.09 -9.02 2.43
N VAL B 113 10.50 -8.25 1.41
CA VAL B 113 10.19 -6.82 1.43
C VAL B 113 8.69 -6.61 1.52
N HIS B 114 7.93 -7.35 0.71
CA HIS B 114 6.48 -7.21 0.70
C HIS B 114 5.90 -7.47 2.09
N PHE B 115 6.31 -8.58 2.70
CA PHE B 115 5.78 -8.99 4.00
C PHE B 115 6.21 -8.04 5.09
N GLN B 116 7.47 -7.60 5.04
CA GLN B 116 7.97 -6.67 6.05
C GLN B 116 7.27 -5.34 5.97
N PHE B 117 7.05 -4.86 4.74
CA PHE B 117 6.37 -3.60 4.56
C PHE B 117 4.96 -3.66 5.12
N LEU B 118 4.19 -4.66 4.69
CA LEU B 118 2.79 -4.73 5.15
C LEU B 118 2.72 -4.92 6.66
N THR B 119 3.60 -5.77 7.21
CA THR B 119 3.63 -5.98 8.65
C THR B 119 3.90 -4.68 9.39
N HIS B 120 4.89 -3.92 8.93
CA HIS B 120 5.25 -2.69 9.61
C HIS B 120 4.18 -1.62 9.45
N ALA B 121 3.66 -1.44 8.23
CA ALA B 121 2.62 -0.44 8.01
C ALA B 121 1.39 -0.71 8.87
N LEU B 122 1.01 -1.97 9.01
CA LEU B 122 -0.16 -2.33 9.81
C LEU B 122 0.11 -2.11 11.29
N GLN B 123 1.29 -2.53 11.79
CA GLN B 123 1.58 -2.34 13.20
CA GLN B 123 1.60 -2.34 13.21
C GLN B 123 1.59 -0.87 13.57
N LYS B 124 2.10 0.00 12.68
CA LYS B 124 2.21 1.41 13.01
C LYS B 124 0.86 2.11 12.95
N VAL B 125 -0.05 1.65 12.08
CA VAL B 125 -1.33 2.34 11.98
C VAL B 125 -2.36 1.84 12.98
N GLN B 126 -2.11 0.70 13.63
CA GLN B 126 -3.10 0.11 14.52
C GLN B 126 -3.63 1.09 15.57
N PRO B 127 -2.79 1.82 16.31
CA PRO B 127 -3.34 2.67 17.38
C PRO B 127 -4.26 3.77 16.87
N VAL B 128 -3.85 4.49 15.82
CA VAL B 128 -4.71 5.53 15.29
CA VAL B 128 -4.71 5.53 15.29
C VAL B 128 -5.94 4.92 14.65
N ALA B 129 -5.79 3.76 14.01
CA ALA B 129 -6.94 3.09 13.43
C ALA B 129 -7.96 2.76 14.52
N HIS B 130 -7.47 2.34 15.69
CA HIS B 130 -8.35 2.01 16.79
C HIS B 130 -9.09 3.25 17.26
N SER B 131 -8.36 4.36 17.43
CA SER B 131 -8.99 5.61 17.87
CA SER B 131 -9.00 5.60 17.88
CA SER B 131 -8.99 5.61 17.86
C SER B 131 -10.07 6.05 16.88
N CYS B 132 -9.83 5.86 15.59
CA CYS B 132 -10.78 6.28 14.56
C CYS B 132 -12.03 5.41 14.56
N PHE B 133 -11.83 4.09 14.73
CA PHE B 133 -12.95 3.18 14.88
C PHE B 133 -13.80 3.56 16.08
N ALA B 134 -13.15 3.87 17.20
CA ALA B 134 -13.87 4.27 18.40
C ALA B 134 -14.72 5.51 18.13
N GLU B 135 -14.17 6.46 17.37
CA GLU B 135 -14.92 7.67 17.03
C GLU B 135 -16.14 7.34 16.17
N VAL B 136 -16.03 6.34 15.27
CA VAL B 136 -17.21 5.96 14.51
C VAL B 136 -18.28 5.37 15.43
N ILE B 137 -17.86 4.62 16.45
CA ILE B 137 -18.81 3.98 17.35
C ILE B 137 -19.58 5.04 18.12
N VAL B 138 -18.86 5.98 18.74
CA VAL B 138 -19.49 7.05 19.50
C VAL B 138 -18.76 8.35 19.20
N PRO B 139 -19.27 9.17 18.27
CA PRO B 139 -18.55 10.41 17.93
C PRO B 139 -18.44 11.35 19.12
N GLU B 140 -17.34 12.08 19.17
CA GLU B 140 -17.07 13.00 20.28
C GLU B 140 -17.65 14.38 19.98
#